data_4ANP
#
_entry.id   4ANP
#
_cell.length_a   66.283
_cell.length_b   107.511
_cell.length_c   124.550
_cell.angle_alpha   90.00
_cell.angle_beta   90.00
_cell.angle_gamma   90.00
#
_symmetry.space_group_name_H-M   'C 2 2 21'
#
loop_
_entity.id
_entity.type
_entity.pdbx_description
1 polymer PHENYLALANINE-4-HYDROXYLASE
2 non-polymer 'FE (III) ION'
3 non-polymer '5,6-DIMETHYL-3-(4-METHYL-2-PYRIDINYL)-2-THIOXO-2,3-DIHYDROTHIENO[2,3- D]PYRIMIDIN-4(1H)-ONE'
4 water water
#
_entity_poly.entity_id   1
_entity_poly.type   'polypeptide(L)'
_entity_poly.pdbx_seq_one_letter_code
;ATVHELSRDKKKDTVPWFPRTIQELDRFANQILSYGAELDADHPGFKDPVYRARRKQFADIAYNYRHGQPIPRVEYMEEE
KKTWGTVFKTLKSLYKTHACYEYNHIFPLLEKYCGFHEDNIPQLEDVSQFLQTCTGFRLRPVAGLLSSRDFLGGLAFRVF
HCTQYIRHGSKPMYTPEPDICHELLGHVPLFSDRSFAQFSQEIGLASLGAPDEYIEKLATIYWFTVEFGLCKQGDSIKAY
GAGLLSSFGELQYCLSEKPKLLPLELEKTAIQNYTVTEFQPLYYVAESFNDAKEKVRNFAATIPRPFSVRYDPYTQRIEV
LDNT
;
_entity_poly.pdbx_strand_id   A
#
loop_
_chem_comp.id
_chem_comp.type
_chem_comp.name
_chem_comp.formula
3QI non-polymer '5,6-DIMETHYL-3-(4-METHYL-2-PYRIDINYL)-2-THIOXO-2,3-DIHYDROTHIENO[2,3- D]PYRIMIDIN-4(1H)-ONE' 'C14 H13 N3 O S2'
FE non-polymer 'FE (III) ION' 'Fe 3'
#
# COMPACT_ATOMS: atom_id res chain seq x y z
N THR A 14 -16.39 -16.67 -18.85
CA THR A 14 -15.43 -15.83 -19.65
C THR A 14 -14.38 -15.08 -18.77
N VAL A 15 -13.25 -15.75 -18.54
CA VAL A 15 -12.16 -15.28 -17.62
C VAL A 15 -11.78 -13.79 -17.74
N PRO A 16 -11.70 -13.10 -16.58
CA PRO A 16 -11.34 -11.66 -16.51
C PRO A 16 -9.94 -11.39 -17.05
N TRP A 17 -9.81 -10.35 -17.87
CA TRP A 17 -8.53 -9.96 -18.45
C TRP A 17 -7.58 -9.56 -17.35
N PHE A 18 -6.29 -9.84 -17.54
CA PHE A 18 -5.26 -9.29 -16.66
C PHE A 18 -4.03 -8.97 -17.50
N PRO A 19 -3.20 -8.00 -17.07
CA PRO A 19 -1.96 -7.77 -17.83
C PRO A 19 -1.00 -8.95 -17.79
N ARG A 20 -0.30 -9.19 -18.89
CA ARG A 20 0.69 -10.27 -18.98
C ARG A 20 2.11 -9.75 -19.09
N THR A 21 2.23 -8.46 -19.38
CA THR A 21 3.50 -7.76 -19.30
C THR A 21 3.33 -6.54 -18.38
N ILE A 22 4.46 -6.05 -17.90
CA ILE A 22 4.51 -4.95 -16.95
C ILE A 22 4.04 -3.67 -17.62
N GLN A 23 4.36 -3.50 -18.90
CA GLN A 23 3.91 -2.33 -19.66
C GLN A 23 2.39 -2.32 -19.76
N GLU A 24 1.75 -3.50 -19.65
CA GLU A 24 0.29 -3.60 -19.78
C GLU A 24 -0.50 -3.07 -18.57
N LEU A 25 0.21 -2.75 -17.49
CA LEU A 25 -0.39 -2.00 -16.39
C LEU A 25 -0.80 -0.57 -16.81
N ASP A 26 -0.25 -0.08 -17.93
CA ASP A 26 -0.68 1.19 -18.52
C ASP A 26 -2.16 1.15 -18.86
N ARG A 27 -2.64 -0.02 -19.26
CA ARG A 27 -3.99 -0.19 -19.81
C ARG A 27 -5.12 0.33 -18.91
N PHE A 28 -5.20 -0.15 -17.68
CA PHE A 28 -6.28 0.27 -16.79
C PHE A 28 -5.82 1.19 -15.65
N ALA A 29 -4.56 1.61 -15.70
CA ALA A 29 -4.02 2.50 -14.65
C ALA A 29 -4.84 3.76 -14.42
N ASN A 30 -5.47 4.28 -15.48
CA ASN A 30 -6.26 5.51 -15.36
C ASN A 30 -7.72 5.26 -15.09
N GLN A 31 -8.07 4.00 -14.93
CA GLN A 31 -9.47 3.68 -14.69
CA GLN A 31 -9.48 3.60 -14.70
C GLN A 31 -9.95 3.78 -13.24
N ILE A 32 -9.75 4.98 -12.74
CA ILE A 32 -10.01 5.30 -11.36
C ILE A 32 -11.46 5.74 -11.21
N LEU A 33 -11.88 5.93 -9.97
CA LEU A 33 -13.13 6.58 -9.67
C LEU A 33 -12.86 8.05 -9.91
N SER A 34 -13.39 8.57 -11.02
CA SER A 34 -13.14 9.93 -11.48
C SER A 34 -13.73 10.99 -10.56
N TYR A 35 -14.68 10.59 -9.74
CA TYR A 35 -15.36 11.51 -8.83
C TYR A 35 -14.97 11.14 -7.40
N GLY A 36 -13.83 11.69 -6.97
CA GLY A 36 -13.12 11.20 -5.77
C GLY A 36 -13.51 11.77 -4.42
N ALA A 37 -12.91 11.22 -3.36
CA ALA A 37 -13.19 11.59 -1.98
C ALA A 37 -13.08 13.09 -1.74
N GLU A 38 -12.18 13.76 -2.43
CA GLU A 38 -11.96 15.19 -2.15
C GLU A 38 -13.08 16.08 -2.68
N LEU A 39 -14.05 15.47 -3.36
CA LEU A 39 -15.22 16.20 -3.87
C LEU A 39 -16.35 16.23 -2.84
N ASP A 40 -16.29 15.36 -1.85
CA ASP A 40 -17.36 15.29 -0.85
C ASP A 40 -17.30 16.50 0.08
N ALA A 41 -18.48 16.94 0.53
CA ALA A 41 -18.62 18.12 1.41
C ALA A 41 -17.91 17.88 2.73
N ASP A 42 -17.76 16.60 3.02
CA ASP A 42 -17.14 16.00 4.19
C ASP A 42 -15.62 16.24 4.25
N HIS A 43 -15.00 16.38 3.09
CA HIS A 43 -13.56 16.30 3.02
C HIS A 43 -12.90 17.48 3.71
N PRO A 44 -11.83 17.24 4.47
CA PRO A 44 -11.14 18.35 5.14
C PRO A 44 -10.83 19.52 4.24
N GLY A 45 -10.61 19.23 2.95
CA GLY A 45 -10.24 20.27 1.98
C GLY A 45 -11.34 20.76 1.06
N PHE A 46 -12.58 20.32 1.32
CA PHE A 46 -13.69 20.61 0.43
C PHE A 46 -13.87 22.08 0.03
N LYS A 47 -13.81 22.99 1.00
CA LYS A 47 -14.03 24.43 0.71
C LYS A 47 -12.80 25.11 0.15
N ASP A 48 -11.74 24.36 -0.08
CA ASP A 48 -10.46 24.97 -0.45
C ASP A 48 -10.19 24.73 -1.94
N PRO A 49 -10.40 25.79 -2.78
CA PRO A 49 -10.28 25.66 -4.24
C PRO A 49 -8.82 25.51 -4.72
N VAL A 50 -7.88 26.06 -3.96
CA VAL A 50 -6.48 25.86 -4.23
C VAL A 50 -6.14 24.37 -4.02
N TYR A 51 -6.69 23.77 -2.96
CA TYR A 51 -6.47 22.35 -2.67
C TYR A 51 -7.08 21.49 -3.74
N ARG A 52 -8.31 21.84 -4.14
CA ARG A 52 -9.02 21.14 -5.22
C ARG A 52 -8.12 21.07 -6.46
N ALA A 53 -7.62 22.23 -6.90
CA ALA A 53 -6.76 22.34 -8.08
C ALA A 53 -5.44 21.57 -7.93
N ARG A 54 -4.84 21.65 -6.75
CA ARG A 54 -3.60 20.92 -6.47
C ARG A 54 -3.81 19.41 -6.67
N ARG A 55 -4.93 18.92 -6.13
CA ARG A 55 -5.31 17.52 -6.26
C ARG A 55 -5.46 17.08 -7.71
N LYS A 56 -6.06 17.93 -8.54
CA LYS A 56 -6.25 17.61 -9.94
C LYS A 56 -4.90 17.62 -10.65
N GLN A 57 -4.01 18.50 -10.19
CA GLN A 57 -2.64 18.58 -10.69
C GLN A 57 -1.90 17.25 -10.47
N PHE A 58 -1.95 16.71 -9.27
CA PHE A 58 -1.34 15.40 -9.03
C PHE A 58 -2.02 14.31 -9.86
N ALA A 59 -3.34 14.38 -10.00
CA ALA A 59 -4.08 13.43 -10.81
C ALA A 59 -3.65 13.44 -12.30
N ASP A 60 -3.42 14.63 -12.86
CA ASP A 60 -2.96 14.74 -14.23
C ASP A 60 -1.56 14.18 -14.43
N ILE A 61 -0.71 14.28 -13.41
CA ILE A 61 0.60 13.63 -13.45
C ILE A 61 0.43 12.10 -13.57
N ALA A 62 -0.39 11.52 -12.71
CA ALA A 62 -0.67 10.09 -12.76
C ALA A 62 -1.25 9.71 -14.13
N TYR A 63 -2.22 10.49 -14.60
CA TYR A 63 -2.93 10.23 -15.86
C TYR A 63 -2.01 10.07 -17.05
N ASN A 64 -0.98 10.92 -17.11
CA ASN A 64 -0.02 11.00 -18.21
C ASN A 64 1.20 10.11 -18.07
N TYR A 65 1.37 9.52 -16.88
CA TYR A 65 2.47 8.61 -16.61
C TYR A 65 2.32 7.35 -17.45
N ARG A 66 3.42 6.87 -18.02
CA ARG A 66 3.44 5.59 -18.71
C ARG A 66 4.53 4.75 -18.08
N HIS A 67 4.30 3.45 -17.97
CA HIS A 67 5.32 2.60 -17.42
C HIS A 67 6.67 2.82 -18.06
N GLY A 68 7.71 2.93 -17.24
CA GLY A 68 9.07 3.04 -17.76
C GLY A 68 9.63 4.44 -17.63
N GLN A 69 8.77 5.45 -17.60
CA GLN A 69 9.23 6.85 -17.50
C GLN A 69 9.74 7.21 -16.09
N PRO A 70 10.60 8.26 -15.99
CA PRO A 70 10.87 8.75 -14.63
C PRO A 70 9.55 9.28 -14.02
N ILE A 71 9.38 9.18 -12.70
CA ILE A 71 8.19 9.78 -12.09
C ILE A 71 8.41 11.26 -11.90
N PRO A 72 7.50 12.11 -12.40
CA PRO A 72 7.79 13.55 -12.33
C PRO A 72 7.94 14.10 -10.90
N ARG A 73 8.99 14.89 -10.70
CA ARG A 73 9.26 15.57 -9.43
CA ARG A 73 9.25 15.55 -9.42
C ARG A 73 8.33 16.75 -9.27
N VAL A 74 7.91 17.03 -8.04
CA VAL A 74 7.04 18.17 -7.78
C VAL A 74 7.58 19.02 -6.65
N GLU A 75 7.57 20.34 -6.85
CA GLU A 75 7.97 21.27 -5.80
C GLU A 75 6.77 21.42 -4.84
N TYR A 76 6.91 20.85 -3.64
CA TYR A 76 5.86 20.97 -2.65
C TYR A 76 5.85 22.39 -2.06
N MET A 77 4.65 22.84 -1.68
CA MET A 77 4.45 24.12 -1.03
C MET A 77 4.81 24.07 0.46
N GLU A 78 5.08 25.23 1.05
CA GLU A 78 5.47 25.34 2.46
C GLU A 78 4.38 24.74 3.36
N GLU A 79 3.13 24.97 2.98
CA GLU A 79 1.99 24.44 3.70
C GLU A 79 2.00 22.89 3.69
N GLU A 80 2.29 22.30 2.53
CA GLU A 80 2.35 20.85 2.39
C GLU A 80 3.51 20.25 3.16
N LYS A 81 4.66 20.93 3.14
CA LYS A 81 5.84 20.48 3.90
C LYS A 81 5.62 20.50 5.41
N LYS A 82 4.93 21.55 5.88
CA LYS A 82 4.47 21.61 7.26
C LYS A 82 3.57 20.44 7.66
N THR A 83 2.59 20.09 6.83
CA THR A 83 1.70 18.96 7.14
C THR A 83 2.49 17.66 7.24
N TRP A 84 3.35 17.41 6.25
CA TRP A 84 4.28 16.30 6.29
C TRP A 84 5.12 16.27 7.56
N GLY A 85 5.69 17.42 7.90
CA GLY A 85 6.50 17.58 9.12
C GLY A 85 5.84 17.09 10.38
N THR A 86 4.58 17.50 10.54
CA THR A 86 3.76 17.16 11.68
C THR A 86 3.45 15.67 11.77
N VAL A 87 3.12 15.09 10.62
CA VAL A 87 2.88 13.65 10.51
C VAL A 87 4.15 12.85 10.82
N PHE A 88 5.26 13.30 10.22
CA PHE A 88 6.58 12.69 10.38
C PHE A 88 7.03 12.68 11.85
N LYS A 89 7.08 13.85 12.46
CA LYS A 89 7.55 13.98 13.85
C LYS A 89 6.68 13.19 14.82
N THR A 90 5.37 13.39 14.74
CA THR A 90 4.42 12.65 15.60
C THR A 90 4.56 11.13 15.51
N LEU A 91 4.60 10.61 14.28
CA LEU A 91 4.68 9.18 14.04
C LEU A 91 6.06 8.62 14.39
N LYS A 92 7.11 9.35 14.02
CA LYS A 92 8.49 8.94 14.30
C LYS A 92 8.68 8.50 15.74
N SER A 93 7.98 9.17 16.66
CA SER A 93 8.18 8.96 18.10
C SER A 93 7.75 7.58 18.54
N LEU A 94 7.08 6.85 17.66
CA LEU A 94 6.51 5.54 18.03
C LEU A 94 7.26 4.36 17.46
N TYR A 95 7.96 4.60 16.35
CA TYR A 95 8.41 3.49 15.50
C TYR A 95 9.40 2.53 16.21
N LYS A 96 10.35 3.10 16.96
CA LYS A 96 11.34 2.28 17.66
C LYS A 96 10.68 1.25 18.58
N THR A 97 9.60 1.66 19.23
CA THR A 97 8.96 0.79 20.21
C THR A 97 7.84 -0.10 19.63
N HIS A 98 7.17 0.40 18.58
CA HIS A 98 5.93 -0.23 18.06
C HIS A 98 6.03 -0.92 16.72
N ALA A 99 6.89 -0.38 15.84
CA ALA A 99 7.10 -0.92 14.51
C ALA A 99 8.00 -2.15 14.50
N CYS A 100 7.76 -3.04 13.53
CA CYS A 100 8.57 -4.26 13.38
C CYS A 100 10.03 -3.95 13.06
N TYR A 101 10.89 -4.94 13.34
CA TYR A 101 12.33 -4.82 13.05
C TYR A 101 12.59 -4.31 11.62
N GLU A 102 11.89 -4.89 10.64
CA GLU A 102 12.13 -4.59 9.21
C GLU A 102 11.98 -3.11 8.93
N TYR A 103 10.97 -2.51 9.57
CA TYR A 103 10.70 -1.09 9.48
C TYR A 103 11.88 -0.28 10.01
N ASN A 104 12.27 -0.57 11.25
CA ASN A 104 13.29 0.19 11.96
C ASN A 104 14.67 -0.04 11.33
N HIS A 105 14.83 -1.21 10.75
CA HIS A 105 16.06 -1.51 10.07
C HIS A 105 16.26 -0.60 8.85
N ILE A 106 15.20 -0.38 8.07
CA ILE A 106 15.34 0.36 6.81
C ILE A 106 15.18 1.87 6.97
N PHE A 107 14.48 2.29 8.02
CA PHE A 107 14.17 3.72 8.18
C PHE A 107 15.42 4.63 8.08
N PRO A 108 16.53 4.29 8.80
CA PRO A 108 17.69 5.18 8.65
C PRO A 108 18.21 5.28 7.20
N LEU A 109 18.16 4.19 6.42
CA LEU A 109 18.56 4.25 5.01
C LEU A 109 17.67 5.19 4.20
N LEU A 110 16.36 5.16 4.49
CA LEU A 110 15.41 6.05 3.84
C LEU A 110 15.70 7.51 4.19
N GLU A 111 16.21 7.74 5.40
CA GLU A 111 16.60 9.07 5.81
C GLU A 111 17.88 9.51 5.10
N LYS A 112 18.89 8.64 5.11
CA LYS A 112 20.16 8.91 4.42
C LYS A 112 20.01 9.12 2.91
N TYR A 113 19.43 8.15 2.22
CA TYR A 113 19.40 8.13 0.75
C TYR A 113 18.18 8.72 0.08
N CYS A 114 17.09 8.88 0.84
CA CYS A 114 15.82 9.29 0.22
C CYS A 114 15.28 10.62 0.69
N GLY A 115 15.90 11.22 1.70
CA GLY A 115 15.47 12.51 2.21
C GLY A 115 14.21 12.46 3.05
N PHE A 116 13.99 11.32 3.70
CA PHE A 116 12.97 11.19 4.76
C PHE A 116 13.38 12.08 5.95
N HIS A 117 12.79 13.27 5.98
CA HIS A 117 13.07 14.26 7.01
C HIS A 117 11.87 15.15 7.14
N GLU A 118 11.67 15.67 8.36
CA GLU A 118 10.57 16.55 8.75
C GLU A 118 10.38 17.72 7.78
N ASP A 119 11.48 18.25 7.26
CA ASP A 119 11.47 19.45 6.41
C ASP A 119 11.36 19.12 4.93
N ASN A 120 11.32 17.84 4.60
CA ASN A 120 11.44 17.44 3.21
C ASN A 120 10.51 16.28 2.84
N ILE A 121 9.66 16.51 1.85
CA ILE A 121 8.83 15.44 1.34
C ILE A 121 9.58 14.75 0.21
N PRO A 122 9.93 13.47 0.40
CA PRO A 122 10.64 12.69 -0.61
C PRO A 122 9.96 12.69 -1.97
N GLN A 123 10.75 12.59 -3.02
CA GLN A 123 10.18 12.48 -4.35
C GLN A 123 9.99 10.99 -4.70
N LEU A 124 8.84 10.64 -5.28
CA LEU A 124 8.52 9.25 -5.67
C LEU A 124 9.60 8.54 -6.52
N GLU A 125 10.15 9.24 -7.50
CA GLU A 125 11.26 8.70 -8.31
C GLU A 125 12.43 8.20 -7.47
N ASP A 126 12.90 9.04 -6.55
CA ASP A 126 13.98 8.64 -5.63
C ASP A 126 13.56 7.41 -4.83
N VAL A 127 12.31 7.40 -4.34
CA VAL A 127 11.85 6.28 -3.48
C VAL A 127 11.75 5.01 -4.33
N SER A 128 11.16 5.13 -5.52
CA SER A 128 11.06 4.00 -6.45
C SER A 128 12.43 3.37 -6.79
N GLN A 129 13.44 4.22 -7.05
CA GLN A 129 14.80 3.72 -7.32
C GLN A 129 15.35 2.96 -6.12
N PHE A 130 15.13 3.53 -4.94
CA PHE A 130 15.58 2.92 -3.71
C PHE A 130 14.98 1.51 -3.56
N LEU A 131 13.67 1.41 -3.77
CA LEU A 131 12.95 0.14 -3.64
C LEU A 131 13.38 -0.88 -4.68
N GLN A 132 13.62 -0.39 -5.90
CA GLN A 132 14.05 -1.27 -6.96
C GLN A 132 15.36 -1.94 -6.55
N THR A 133 16.26 -1.14 -5.97
CA THR A 133 17.52 -1.64 -5.40
C THR A 133 17.31 -2.62 -4.26
N CYS A 134 16.30 -2.41 -3.42
CA CYS A 134 16.03 -3.30 -2.29
C CYS A 134 15.44 -4.64 -2.73
N THR A 135 14.36 -4.58 -3.50
CA THR A 135 13.54 -5.77 -3.73
C THR A 135 12.98 -5.85 -5.18
N GLY A 136 13.37 -4.90 -6.03
CA GLY A 136 12.73 -4.81 -7.35
C GLY A 136 11.33 -4.20 -7.32
N PHE A 137 10.84 -3.80 -6.14
CA PHE A 137 9.56 -3.09 -6.08
C PHE A 137 9.72 -1.73 -6.73
N ARG A 138 8.70 -1.28 -7.45
CA ARG A 138 8.73 0.06 -8.04
C ARG A 138 7.42 0.77 -7.76
N LEU A 139 7.44 2.10 -7.84
CA LEU A 139 6.22 2.86 -7.66
C LEU A 139 5.68 3.29 -9.03
N ARG A 140 4.37 3.51 -9.06
CA ARG A 140 3.72 4.11 -10.22
C ARG A 140 2.73 5.12 -9.63
N PRO A 141 2.82 6.42 -10.00
CA PRO A 141 1.85 7.38 -9.45
C PRO A 141 0.43 7.01 -9.85
N VAL A 142 -0.49 7.13 -8.89
CA VAL A 142 -1.89 6.82 -9.16
C VAL A 142 -2.81 8.00 -8.85
N ALA A 143 -3.75 8.24 -9.76
CA ALA A 143 -4.69 9.38 -9.68
C ALA A 143 -5.64 9.34 -8.48
N GLY A 144 -6.14 8.15 -8.16
CA GLY A 144 -7.22 7.98 -7.24
C GLY A 144 -7.44 6.49 -7.02
N LEU A 145 -8.69 6.11 -6.74
CA LEU A 145 -8.98 4.77 -6.31
C LEU A 145 -9.15 3.85 -7.51
N LEU A 146 -8.32 2.82 -7.59
CA LEU A 146 -8.44 1.80 -8.61
C LEU A 146 -9.25 0.64 -8.03
N SER A 147 -9.86 -0.15 -8.90
CA SER A 147 -10.51 -1.38 -8.44
C SER A 147 -9.48 -2.27 -7.71
N SER A 148 -9.95 -3.12 -6.81
CA SER A 148 -9.07 -4.06 -6.11
C SER A 148 -8.38 -4.93 -7.14
N ARG A 149 -9.12 -5.41 -8.13
CA ARG A 149 -8.57 -6.20 -9.23
C ARG A 149 -7.33 -5.54 -9.82
N ASP A 150 -7.47 -4.28 -10.23
CA ASP A 150 -6.38 -3.55 -10.87
C ASP A 150 -5.23 -3.29 -9.89
N PHE A 151 -5.55 -2.78 -8.71
CA PHE A 151 -4.51 -2.51 -7.69
C PHE A 151 -3.71 -3.76 -7.30
N LEU A 152 -4.41 -4.83 -6.96
CA LEU A 152 -3.76 -6.08 -6.54
C LEU A 152 -2.94 -6.73 -7.67
N GLY A 153 -3.42 -6.63 -8.92
CA GLY A 153 -2.68 -7.12 -10.10
C GLY A 153 -1.29 -6.50 -10.23
N GLY A 154 -1.20 -5.16 -10.07
CA GLY A 154 0.09 -4.47 -10.00
C GLY A 154 1.11 -5.14 -9.09
N LEU A 155 0.67 -5.60 -7.93
CA LEU A 155 1.57 -6.28 -6.95
C LEU A 155 2.24 -7.52 -7.51
N ALA A 156 1.59 -8.17 -8.47
CA ALA A 156 2.15 -9.39 -9.09
C ALA A 156 3.46 -9.14 -9.82
N PHE A 157 3.62 -7.90 -10.29
CA PHE A 157 4.81 -7.43 -10.99
C PHE A 157 5.74 -6.68 -10.05
N ARG A 158 5.45 -6.72 -8.76
CA ARG A 158 6.08 -5.86 -7.76
C ARG A 158 5.96 -4.37 -8.11
N VAL A 159 4.75 -3.95 -8.50
CA VAL A 159 4.42 -2.53 -8.76
C VAL A 159 3.40 -2.03 -7.75
N PHE A 160 3.75 -1.00 -6.99
CA PHE A 160 2.81 -0.42 -6.02
C PHE A 160 2.27 0.90 -6.58
N HIS A 161 0.97 0.94 -6.81
CA HIS A 161 0.27 2.16 -7.27
C HIS A 161 0.21 3.09 -6.10
N CYS A 162 0.76 4.29 -6.28
CA CYS A 162 1.15 5.14 -5.18
C CYS A 162 0.70 6.58 -5.40
N THR A 163 -0.01 7.13 -4.43
CA THR A 163 -0.42 8.53 -4.46
C THR A 163 0.74 9.47 -4.23
N GLN A 164 0.57 10.70 -4.72
CA GLN A 164 1.63 11.69 -4.72
C GLN A 164 1.18 12.95 -3.96
N TYR A 165 -0.15 13.13 -3.81
CA TYR A 165 -0.75 14.29 -3.16
C TYR A 165 -0.69 14.14 -1.62
N ILE A 166 -0.86 15.25 -0.90
CA ILE A 166 -0.90 15.24 0.55
C ILE A 166 -2.28 15.63 1.08
N ARG A 167 -2.64 15.06 2.24
CA ARG A 167 -3.81 15.47 2.99
C ARG A 167 -3.85 17.00 3.16
N HIS A 168 -5.06 17.52 3.34
CA HIS A 168 -5.29 18.93 3.56
C HIS A 168 -4.68 19.34 4.88
N GLY A 169 -4.09 20.55 4.92
CA GLY A 169 -3.33 21.03 6.08
C GLY A 169 -4.10 21.31 7.37
N SER A 170 -5.42 21.45 7.28
CA SER A 170 -6.27 21.76 8.44
C SER A 170 -6.36 20.58 9.40
N LYS A 171 -6.17 19.37 8.91
CA LYS A 171 -6.24 18.19 9.76
C LYS A 171 -5.07 17.23 9.52
N PRO A 172 -3.88 17.52 10.09
CA PRO A 172 -2.70 16.68 9.78
C PRO A 172 -2.76 15.26 10.30
N MET A 173 -3.58 15.01 11.33
CA MET A 173 -3.67 13.67 11.91
C MET A 173 -4.79 12.83 11.28
N TYR A 174 -5.50 13.41 10.33
CA TYR A 174 -6.61 12.73 9.72
C TYR A 174 -6.49 12.68 8.24
N THR A 175 -6.55 11.46 7.72
CA THR A 175 -6.90 11.29 6.32
C THR A 175 -7.89 10.10 6.13
N PRO A 176 -8.97 10.31 5.34
CA PRO A 176 -9.83 9.18 4.99
C PRO A 176 -9.25 8.39 3.82
N GLU A 177 -8.21 8.93 3.20
CA GLU A 177 -7.74 8.42 1.93
C GLU A 177 -6.29 8.06 2.10
N PRO A 178 -5.77 7.22 1.18
CA PRO A 178 -4.32 7.22 1.13
C PRO A 178 -3.84 8.63 0.73
N ASP A 179 -2.71 9.04 1.26
CA ASP A 179 -2.04 10.21 0.76
C ASP A 179 -0.56 9.85 0.80
N ILE A 180 0.28 10.77 0.38
CA ILE A 180 1.73 10.56 0.35
C ILE A 180 2.32 10.13 1.70
N CYS A 181 1.82 10.70 2.80
CA CYS A 181 2.33 10.35 4.15
C CYS A 181 2.12 8.87 4.44
N HIS A 182 0.94 8.37 4.09
CA HIS A 182 0.59 6.97 4.31
C HIS A 182 1.41 6.06 3.42
N GLU A 183 1.62 6.47 2.16
CA GLU A 183 2.42 5.61 1.27
C GLU A 183 3.87 5.51 1.72
N LEU A 184 4.48 6.64 2.05
CA LEU A 184 5.93 6.65 2.36
C LEU A 184 6.25 6.15 3.77
N LEU A 185 5.41 6.52 4.72
CA LEU A 185 5.66 6.19 6.14
C LEU A 185 4.97 4.90 6.55
N GLY A 186 3.91 4.54 5.82
CA GLY A 186 3.17 3.30 6.02
C GLY A 186 3.65 2.15 5.14
N HIS A 187 3.62 2.31 3.80
CA HIS A 187 3.94 1.17 2.91
C HIS A 187 5.40 0.97 2.60
N VAL A 188 6.05 2.04 2.13
CA VAL A 188 7.39 1.96 1.54
C VAL A 188 8.42 1.18 2.37
N PRO A 189 8.45 1.35 3.71
CA PRO A 189 9.48 0.66 4.47
C PRO A 189 9.31 -0.88 4.51
N LEU A 190 8.09 -1.38 4.38
CA LEU A 190 7.90 -2.84 4.32
C LEU A 190 8.22 -3.40 2.92
N PHE A 191 7.98 -2.61 1.87
CA PHE A 191 8.28 -3.03 0.51
C PHE A 191 9.80 -3.11 0.28
N SER A 192 10.58 -2.63 1.25
CA SER A 192 12.06 -2.68 1.18
C SER A 192 12.60 -4.00 1.67
N ASP A 193 11.74 -4.79 2.30
CA ASP A 193 12.14 -6.10 2.83
C ASP A 193 11.77 -7.22 1.87
N ARG A 194 12.72 -8.10 1.57
CA ARG A 194 12.54 -9.17 0.58
C ARG A 194 11.38 -10.14 0.88
N SER A 195 11.31 -10.59 2.13
CA SER A 195 10.22 -11.46 2.57
CA SER A 195 10.23 -11.46 2.57
C SER A 195 8.86 -10.79 2.44
N PHE A 196 8.75 -9.54 2.91
CA PHE A 196 7.47 -8.83 2.75
C PHE A 196 7.12 -8.68 1.28
N ALA A 197 8.09 -8.26 0.48
CA ALA A 197 7.94 -8.09 -0.97
C ALA A 197 7.40 -9.35 -1.65
N GLN A 198 7.90 -10.51 -1.24
CA GLN A 198 7.44 -11.80 -1.84
C GLN A 198 6.01 -12.15 -1.45
N PHE A 199 5.70 -11.88 -0.18
CA PHE A 199 4.36 -12.00 0.35
C PHE A 199 3.34 -11.11 -0.42
N SER A 200 3.57 -9.83 -0.43
CA SER A 200 2.73 -8.96 -1.16
C SER A 200 2.54 -9.35 -2.65
N GLN A 201 3.61 -9.77 -3.32
CA GLN A 201 3.52 -10.21 -4.70
C GLN A 201 2.63 -11.44 -4.81
N GLU A 202 2.67 -12.32 -3.80
CA GLU A 202 1.86 -13.52 -3.81
C GLU A 202 0.38 -13.16 -3.88
N ILE A 203 0.00 -12.10 -3.16
CA ILE A 203 -1.39 -11.64 -3.19
C ILE A 203 -1.74 -11.16 -4.59
N GLY A 204 -0.81 -10.42 -5.22
CA GLY A 204 -0.98 -10.01 -6.61
C GLY A 204 -1.17 -11.19 -7.54
N LEU A 205 -0.29 -12.19 -7.46
CA LEU A 205 -0.39 -13.37 -8.34
C LEU A 205 -1.74 -14.08 -8.18
N ALA A 206 -2.15 -14.27 -6.94
CA ALA A 206 -3.47 -14.81 -6.60
C ALA A 206 -4.64 -14.11 -7.31
N SER A 207 -4.52 -12.79 -7.51
CA SER A 207 -5.60 -11.99 -8.06
C SER A 207 -5.74 -12.14 -9.57
N LEU A 208 -4.68 -12.58 -10.25
CA LEU A 208 -4.70 -12.60 -11.70
C LEU A 208 -5.75 -13.56 -12.25
N GLY A 209 -6.75 -12.97 -12.92
CA GLY A 209 -7.82 -13.71 -13.58
C GLY A 209 -8.83 -14.33 -12.63
N ALA A 210 -8.71 -14.05 -11.33
CA ALA A 210 -9.63 -14.57 -10.30
C ALA A 210 -11.06 -14.00 -10.42
N PRO A 211 -12.07 -14.82 -10.10
CA PRO A 211 -13.47 -14.33 -10.12
C PRO A 211 -13.65 -13.20 -9.12
N ASP A 212 -14.63 -12.32 -9.40
CA ASP A 212 -14.94 -11.18 -8.52
C ASP A 212 -15.03 -11.53 -7.03
N GLU A 213 -15.68 -12.66 -6.72
CA GLU A 213 -15.84 -13.09 -5.35
CA GLU A 213 -15.84 -13.14 -5.33
C GLU A 213 -14.49 -13.28 -4.64
N TYR A 214 -13.50 -13.78 -5.38
CA TYR A 214 -12.17 -13.96 -4.83
C TYR A 214 -11.31 -12.72 -4.82
N ILE A 215 -11.57 -11.78 -5.71
CA ILE A 215 -10.90 -10.48 -5.64
C ILE A 215 -11.20 -9.83 -4.28
N GLU A 216 -12.49 -9.87 -3.91
CA GLU A 216 -12.96 -9.32 -2.62
CA GLU A 216 -12.98 -9.34 -2.63
C GLU A 216 -12.36 -10.04 -1.40
N LYS A 217 -12.19 -11.35 -1.49
CA LYS A 217 -11.57 -12.11 -0.39
C LYS A 217 -10.10 -11.72 -0.31
N LEU A 218 -9.46 -11.57 -1.47
CA LEU A 218 -8.07 -11.14 -1.49
C LEU A 218 -7.89 -9.70 -0.98
N ALA A 219 -8.85 -8.82 -1.26
CA ALA A 219 -8.76 -7.44 -0.81
C ALA A 219 -8.87 -7.42 0.72
N THR A 220 -9.71 -8.29 1.26
CA THR A 220 -9.91 -8.41 2.71
C THR A 220 -8.64 -8.94 3.38
N ILE A 221 -8.02 -9.93 2.76
CA ILE A 221 -6.73 -10.46 3.25
C ILE A 221 -5.68 -9.35 3.22
N TYR A 222 -5.60 -8.66 2.11
CA TYR A 222 -4.73 -7.47 1.99
C TYR A 222 -4.94 -6.49 3.16
N TRP A 223 -6.20 -6.17 3.45
CA TRP A 223 -6.51 -5.21 4.51
CA TRP A 223 -6.58 -5.25 4.53
C TRP A 223 -6.06 -5.67 5.87
N PHE A 224 -6.16 -6.96 6.13
CA PHE A 224 -5.74 -7.53 7.43
C PHE A 224 -4.27 -7.89 7.49
N THR A 225 -3.53 -7.57 6.41
CA THR A 225 -2.09 -7.84 6.38
C THR A 225 -1.33 -6.56 6.00
N VAL A 226 -1.16 -6.34 4.70
CA VAL A 226 -0.51 -5.13 4.22
C VAL A 226 -0.99 -3.85 4.93
N GLU A 227 -2.29 -3.70 5.21
CA GLU A 227 -2.80 -2.46 5.83
C GLU A 227 -2.86 -2.43 7.38
N PHE A 228 -3.31 -3.52 7.99
CA PHE A 228 -3.53 -3.57 9.44
C PHE A 228 -2.96 -4.79 10.14
N GLY A 229 -1.93 -5.39 9.53
CA GLY A 229 -1.29 -6.57 10.10
C GLY A 229 -0.39 -6.30 11.29
N LEU A 230 -0.43 -7.27 12.22
CA LEU A 230 0.56 -7.44 13.28
C LEU A 230 1.37 -8.70 13.00
N CYS A 231 2.63 -8.70 13.40
CA CYS A 231 3.47 -9.90 13.27
C CYS A 231 4.22 -10.26 14.56
N LYS A 232 4.39 -11.56 14.81
CA LYS A 232 5.25 -12.01 15.90
C LYS A 232 6.69 -11.57 15.61
N GLN A 233 7.43 -11.21 16.65
CA GLN A 233 8.85 -10.82 16.54
C GLN A 233 9.54 -11.37 17.77
N GLY A 234 10.05 -12.60 17.63
CA GLY A 234 10.55 -13.39 18.76
C GLY A 234 9.39 -13.64 19.69
N ASP A 235 9.55 -13.18 20.93
CA ASP A 235 8.52 -13.34 21.98
C ASP A 235 7.46 -12.23 21.97
N SER A 236 7.73 -11.19 21.17
CA SER A 236 6.89 -10.00 21.13
C SER A 236 5.99 -9.96 19.87
N ILE A 237 5.22 -8.88 19.74
CA ILE A 237 4.33 -8.63 18.62
C ILE A 237 4.63 -7.17 18.22
N LYS A 238 4.60 -6.90 16.92
CA LYS A 238 4.92 -5.57 16.40
C LYS A 238 3.99 -5.26 15.23
N ALA A 239 3.89 -3.97 14.87
CA ALA A 239 3.09 -3.56 13.73
C ALA A 239 3.87 -3.61 12.44
N TYR A 240 3.21 -4.06 11.38
CA TYR A 240 3.75 -3.97 10.02
C TYR A 240 2.74 -3.42 9.00
N GLY A 241 1.46 -3.33 9.37
CA GLY A 241 0.46 -2.83 8.43
C GLY A 241 0.63 -1.34 8.19
N ALA A 242 0.51 -0.94 6.92
CA ALA A 242 0.68 0.45 6.51
C ALA A 242 -0.33 1.39 7.18
N GLY A 243 -1.55 0.90 7.34
CA GLY A 243 -2.61 1.68 8.01
C GLY A 243 -2.31 1.92 9.47
N LEU A 244 -1.64 0.98 10.11
CA LEU A 244 -1.22 1.18 11.49
C LEU A 244 -0.03 2.13 11.58
N LEU A 245 1.02 1.85 10.79
CA LEU A 245 2.25 2.64 10.81
C LEU A 245 2.06 4.12 10.40
N SER A 246 0.95 4.43 9.71
CA SER A 246 0.66 5.83 9.36
C SER A 246 -0.43 6.45 10.23
N SER A 247 -0.83 5.78 11.32
CA SER A 247 -1.86 6.33 12.20
C SER A 247 -1.34 6.41 13.64
N PHE A 248 -1.14 7.63 14.13
CA PHE A 248 -0.57 7.83 15.45
C PHE A 248 -1.42 7.15 16.52
N GLY A 249 -2.72 7.39 16.44
CA GLY A 249 -3.68 6.84 17.37
C GLY A 249 -3.71 5.33 17.31
N GLU A 250 -3.84 4.75 16.12
CA GLU A 250 -4.09 3.32 16.00
C GLU A 250 -2.83 2.49 16.24
N LEU A 251 -1.67 3.04 15.88
CA LEU A 251 -0.39 2.38 16.15
C LEU A 251 -0.22 2.05 17.66
N GLN A 252 -0.59 2.98 18.53
CA GLN A 252 -0.51 2.76 19.97
C GLN A 252 -1.60 1.81 20.45
N TYR A 253 -2.77 1.90 19.83
CA TYR A 253 -3.93 1.13 20.27
C TYR A 253 -3.77 -0.34 19.90
N CYS A 254 -3.27 -0.61 18.70
CA CYS A 254 -3.16 -1.97 18.16
C CYS A 254 -2.37 -2.92 19.08
N LEU A 255 -1.43 -2.37 19.85
CA LEU A 255 -0.57 -3.18 20.75
C LEU A 255 -0.84 -2.96 22.23
N SER A 256 -2.01 -2.39 22.55
CA SER A 256 -2.54 -2.31 23.92
C SER A 256 -3.46 -3.50 24.17
N GLU A 257 -4.03 -3.58 25.37
CA GLU A 257 -4.90 -4.71 25.72
C GLU A 257 -6.29 -4.62 25.08
N LYS A 258 -6.63 -3.48 24.49
CA LYS A 258 -7.99 -3.28 23.96
C LYS A 258 -8.40 -4.22 22.81
N PRO A 259 -7.68 -4.21 21.67
CA PRO A 259 -8.19 -4.98 20.54
C PRO A 259 -8.05 -6.48 20.79
N LYS A 260 -8.80 -7.26 20.03
CA LYS A 260 -8.70 -8.71 20.06
C LYS A 260 -7.70 -9.14 19.00
N LEU A 261 -6.91 -10.15 19.34
CA LEU A 261 -5.90 -10.68 18.41
C LEU A 261 -6.16 -12.15 18.15
N LEU A 262 -5.98 -12.55 16.90
CA LEU A 262 -6.13 -13.94 16.49
C LEU A 262 -5.01 -14.28 15.52
N PRO A 263 -4.66 -15.57 15.41
CA PRO A 263 -3.66 -15.96 14.41
C PRO A 263 -4.15 -15.76 12.98
N LEU A 264 -3.26 -15.34 12.09
CA LEU A 264 -3.62 -15.23 10.68
C LEU A 264 -4.04 -16.61 10.19
N GLU A 265 -5.24 -16.69 9.61
CA GLU A 265 -5.84 -17.93 9.21
C GLU A 265 -6.80 -17.60 8.07
N LEU A 266 -6.36 -17.87 6.83
CA LEU A 266 -6.95 -17.23 5.66
C LEU A 266 -8.43 -17.52 5.34
N GLU A 267 -8.89 -18.74 5.63
CA GLU A 267 -10.29 -19.07 5.44
C GLU A 267 -11.21 -18.29 6.40
N LYS A 268 -10.68 -17.86 7.54
CA LYS A 268 -11.44 -16.94 8.38
C LYS A 268 -11.16 -15.48 8.05
N THR A 269 -9.89 -15.14 7.85
CA THR A 269 -9.52 -13.76 7.56
C THR A 269 -10.23 -13.24 6.32
N ALA A 270 -10.22 -14.02 5.24
CA ALA A 270 -10.88 -13.66 3.96
C ALA A 270 -12.36 -13.21 4.06
N ILE A 271 -13.11 -13.77 5.00
CA ILE A 271 -14.54 -13.41 5.17
C ILE A 271 -14.84 -12.38 6.29
N GLN A 272 -13.83 -12.05 7.10
CA GLN A 272 -14.04 -11.14 8.22
C GLN A 272 -14.39 -9.75 7.74
N ASN A 273 -15.45 -9.16 8.31
CA ASN A 273 -15.85 -7.78 8.03
C ASN A 273 -14.98 -6.76 8.71
N TYR A 274 -14.97 -5.56 8.17
CA TYR A 274 -14.18 -4.51 8.73
C TYR A 274 -14.74 -3.20 8.20
N THR A 275 -14.46 -2.13 8.94
CA THR A 275 -14.86 -0.77 8.64
C THR A 275 -13.58 0.03 8.57
N VAL A 276 -13.62 1.17 7.88
CA VAL A 276 -12.44 2.02 7.73
C VAL A 276 -12.42 3.22 8.69
N THR A 277 -13.54 3.47 9.36
CA THR A 277 -13.76 4.75 10.05
C THR A 277 -13.35 4.78 11.53
N GLU A 278 -13.29 3.62 12.19
CA GLU A 278 -12.79 3.57 13.56
C GLU A 278 -11.59 2.62 13.62
N PHE A 279 -10.93 2.56 14.79
CA PHE A 279 -9.89 1.56 15.06
C PHE A 279 -10.44 0.15 14.92
N GLN A 280 -9.62 -0.77 14.40
CA GLN A 280 -10.06 -2.16 14.20
C GLN A 280 -10.34 -2.77 15.58
N PRO A 281 -11.47 -3.44 15.73
CA PRO A 281 -11.73 -4.17 16.99
C PRO A 281 -10.91 -5.47 17.07
N LEU A 282 -10.32 -5.82 15.94
CA LEU A 282 -9.66 -7.12 15.80
C LEU A 282 -8.52 -7.05 14.79
N TYR A 283 -7.38 -7.63 15.16
CA TYR A 283 -6.24 -7.77 14.27
C TYR A 283 -5.83 -9.23 14.11
N TYR A 284 -5.28 -9.56 12.95
CA TYR A 284 -4.66 -10.87 12.71
C TYR A 284 -3.14 -10.77 12.82
N VAL A 285 -2.55 -11.77 13.48
CA VAL A 285 -1.13 -11.80 13.74
C VAL A 285 -0.46 -12.83 12.85
N ALA A 286 0.54 -12.39 12.10
CA ALA A 286 1.31 -13.29 11.23
C ALA A 286 2.53 -13.82 11.97
N GLU A 287 2.83 -15.11 11.74
CA GLU A 287 4.05 -15.76 12.20
C GLU A 287 5.31 -15.11 11.65
N SER A 288 5.31 -14.89 10.33
CA SER A 288 6.37 -14.15 9.66
C SER A 288 5.83 -13.90 8.29
N PHE A 289 6.57 -13.15 7.48
CA PHE A 289 6.09 -12.83 6.14
C PHE A 289 6.23 -14.03 5.19
N ASN A 290 7.25 -14.86 5.43
CA ASN A 290 7.37 -16.16 4.70
C ASN A 290 6.17 -17.05 4.97
N ASP A 291 5.72 -17.12 6.20
CA ASP A 291 4.55 -17.94 6.53
C ASP A 291 3.24 -17.37 5.95
N ALA A 292 3.07 -16.05 5.99
CA ALA A 292 1.88 -15.45 5.39
C ALA A 292 1.88 -15.75 3.90
N LYS A 293 3.05 -15.62 3.26
CA LYS A 293 3.19 -15.94 1.84
C LYS A 293 2.75 -17.37 1.54
N GLU A 294 3.25 -18.34 2.30
CA GLU A 294 2.88 -19.73 2.09
C GLU A 294 1.36 -19.94 2.20
N LYS A 295 0.76 -19.34 3.22
CA LYS A 295 -0.69 -19.36 3.42
C LYS A 295 -1.46 -18.73 2.25
N VAL A 296 -0.97 -17.62 1.73
CA VAL A 296 -1.61 -17.02 0.55
C VAL A 296 -1.46 -17.93 -0.67
N ARG A 297 -0.30 -18.57 -0.80
CA ARG A 297 -0.06 -19.51 -1.89
C ARG A 297 -1.04 -20.71 -1.84
N ASN A 298 -1.29 -21.24 -0.66
CA ASN A 298 -2.28 -22.32 -0.47
C ASN A 298 -3.71 -21.87 -0.77
N PHE A 299 -4.03 -20.65 -0.35
CA PHE A 299 -5.34 -20.05 -0.59
C PHE A 299 -5.58 -19.79 -2.07
N ALA A 300 -4.55 -19.33 -2.77
CA ALA A 300 -4.66 -19.08 -4.23
C ALA A 300 -5.01 -20.36 -5.02
N ALA A 301 -4.52 -21.51 -4.54
CA ALA A 301 -4.83 -22.81 -5.13
C ALA A 301 -6.31 -23.19 -5.02
N THR A 302 -7.04 -22.62 -4.06
CA THR A 302 -8.50 -22.82 -3.98
C THR A 302 -9.30 -21.96 -4.96
N ILE A 303 -8.68 -20.92 -5.54
CA ILE A 303 -9.39 -20.03 -6.45
C ILE A 303 -9.63 -20.71 -7.81
N PRO A 304 -10.91 -20.88 -8.20
CA PRO A 304 -11.22 -21.38 -9.55
C PRO A 304 -10.60 -20.51 -10.64
N ARG A 305 -9.52 -21.01 -11.23
CA ARG A 305 -8.87 -20.38 -12.37
C ARG A 305 -8.43 -21.53 -13.27
N PRO A 306 -8.68 -21.42 -14.58
CA PRO A 306 -8.37 -22.55 -15.47
C PRO A 306 -6.89 -22.58 -15.89
N PHE A 307 -6.06 -21.84 -15.16
CA PHE A 307 -4.65 -21.73 -15.46
C PHE A 307 -3.85 -21.53 -14.19
N SER A 308 -2.54 -21.47 -14.36
CA SER A 308 -1.59 -21.24 -13.30
C SER A 308 -0.79 -20.02 -13.74
N VAL A 309 -0.32 -19.20 -12.79
CA VAL A 309 0.54 -18.05 -13.13
C VAL A 309 1.88 -18.02 -12.38
N ARG A 310 2.90 -17.47 -13.02
CA ARG A 310 4.13 -17.09 -12.31
C ARG A 310 4.75 -15.88 -13.01
N TYR A 311 5.44 -15.08 -12.22
CA TYR A 311 6.12 -13.92 -12.75
C TYR A 311 7.55 -14.29 -13.10
N ASP A 312 7.96 -13.96 -14.33
CA ASP A 312 9.35 -14.07 -14.72
C ASP A 312 9.98 -12.68 -14.67
N PRO A 313 10.79 -12.41 -13.64
CA PRO A 313 11.45 -11.10 -13.43
C PRO A 313 12.52 -10.75 -14.47
N TYR A 314 13.07 -11.76 -15.15
CA TYR A 314 14.00 -11.53 -16.26
C TYR A 314 13.35 -10.79 -17.42
N THR A 315 12.11 -11.13 -17.74
CA THR A 315 11.47 -10.53 -18.91
C THR A 315 10.34 -9.62 -18.49
N GLN A 316 10.03 -9.64 -17.19
CA GLN A 316 8.91 -8.86 -16.64
C GLN A 316 7.59 -9.23 -17.32
N ARG A 317 7.35 -10.53 -17.42
CA ARG A 317 6.13 -11.06 -18.00
C ARG A 317 5.54 -12.07 -17.03
N ILE A 318 4.22 -12.23 -17.09
CA ILE A 318 3.54 -13.28 -16.36
C ILE A 318 3.46 -14.52 -17.25
N GLU A 319 4.03 -15.64 -16.79
CA GLU A 319 3.87 -16.91 -17.50
C GLU A 319 2.55 -17.60 -17.14
N VAL A 320 1.75 -17.96 -18.15
CA VAL A 320 0.44 -18.59 -17.91
C VAL A 320 0.40 -20.05 -18.42
N LEU A 321 0.37 -21.01 -17.49
CA LEU A 321 0.35 -22.44 -17.84
C LEU A 321 -1.06 -23.01 -17.93
N ASP A 322 -1.29 -23.86 -18.93
CA ASP A 322 -2.59 -24.51 -19.25
C ASP A 322 -3.81 -23.62 -19.05
FE FE B . -2.46 1.69 1.90
CAA 3QI C . -7.32 -2.73 -2.41
CAB 3QI C . -7.71 5.15 4.40
CAC 3QI C . -9.15 3.92 1.89
OAD 3QI C . -8.14 2.21 -0.36
SAE 3QI C . -3.37 0.76 -0.79
CAF 3QI C . -6.61 0.71 -4.00
CAG 3QI C . -6.96 -0.65 -3.86
CAH 3QI C . -6.60 -0.49 -1.50
NAI 3QI C . -6.28 1.42 -2.91
NAJ 3QI C . -4.38 2.26 1.19
SAK 3QI C . -5.34 3.87 3.31
CAL 3QI C . -6.96 -1.25 -2.59
CAM 3QI C . -7.02 4.28 3.31
CAN 3QI C . -7.64 3.71 2.18
CAO 3QI C . -6.25 0.86 -1.69
CAP 3QI C . -4.64 1.56 0.00
CAQ 3QI C . -7.00 2.25 0.14
CAR 3QI C . -5.41 2.94 1.85
CAS 3QI C . -6.75 2.96 1.34
NAT 3QI C . -5.94 1.57 -0.53
#